data_4NAO
#
_entry.id   4NAO
#
_cell.length_a   91.304
_cell.length_b   91.304
_cell.length_c   79.189
_cell.angle_alpha   90.00
_cell.angle_beta   90.00
_cell.angle_gamma   90.00
#
_symmetry.space_group_name_H-M   'P 43 21 2'
#
loop_
_entity.id
_entity.type
_entity.pdbx_description
1 polymer 'Putative oxygenase'
2 non-polymer 'HEXAETHYLENE GLYCOL'
3 non-polymer '2-OXOGLUTARIC ACID'
4 non-polymer 'SODIUM ION'
5 non-polymer 'FE (II) ION'
6 water water
#
_entity_poly.entity_id   1
_entity_poly.type   'polypeptide(L)'
_entity_poly.pdbx_seq_one_letter_code
;MRGSHHHHHHGSMTSQHQEHTGTKRFSIQSDPVEIHRAIVEDGVAIIEGFLTPEQVQKLNKDVDAPLKADREQLKFKADK
KDDPHFWLADFIPDHVARVHNLVDFSHCFRHEILNHELLHKICRLTFEESGDYWLGYGAVIENGPGTTEQKWHRDQPRYP
LVKEGPDAPEGMLNFFTALTDFDAETGKTQYILGSNKRVELGEPDADHPIEYVGLKPGDTTIVSGKITHRGSDNRSDKMR
RAMPIMIIPSILTPFDATCHLSRELVETMTPLAQKMICRRSVMIPAPGTVEVKTGIWCVNMREAGEQIGLKSNQRAKEDA
EATDAV
;
_entity_poly.pdbx_strand_id   A
#
loop_
_chem_comp.id
_chem_comp.type
_chem_comp.name
_chem_comp.formula
AKG non-polymer '2-OXOGLUTARIC ACID' 'C5 H6 O5'
FE2 non-polymer 'FE (II) ION' 'Fe 2'
NA non-polymer 'SODIUM ION' 'Na 1'
P6G non-polymer 'HEXAETHYLENE GLYCOL' 'C12 H26 O7'
#
# COMPACT_ATOMS: atom_id res chain seq x y z
N GLY A 22 19.60 -9.98 -7.72
CA GLY A 22 18.16 -9.90 -7.57
C GLY A 22 17.71 -8.69 -6.77
N THR A 23 16.51 -8.77 -6.20
CA THR A 23 15.86 -7.66 -5.52
C THR A 23 16.60 -7.37 -4.23
N LYS A 24 16.89 -6.09 -4.01
CA LYS A 24 17.63 -5.67 -2.84
C LYS A 24 16.78 -5.82 -1.60
N ARG A 25 17.40 -6.35 -0.56
CA ARG A 25 16.71 -6.55 0.70
C ARG A 25 17.31 -5.64 1.77
N PHE A 26 16.44 -4.86 2.39
CA PHE A 26 16.82 -3.87 3.35
C PHE A 26 16.20 -4.23 4.71
N SER A 27 16.59 -3.49 5.75
CA SER A 27 15.97 -3.65 7.05
C SER A 27 15.28 -2.33 7.41
N ILE A 28 14.61 -2.32 8.56
CA ILE A 28 13.95 -1.10 9.03
C ILE A 28 14.97 0.02 9.38
N GLN A 29 16.24 -0.34 9.50
CA GLN A 29 17.25 0.66 9.79
C GLN A 29 17.97 1.17 8.54
N SER A 30 17.58 0.67 7.37
CA SER A 30 18.26 1.04 6.13
C SER A 30 18.02 2.49 5.68
N ASP A 31 18.96 3.00 4.89
CA ASP A 31 18.89 4.38 4.38
C ASP A 31 17.75 4.52 3.35
N PRO A 32 16.76 5.40 3.62
CA PRO A 32 15.69 5.53 2.64
C PRO A 32 16.21 5.96 1.26
N VAL A 33 17.35 6.65 1.21
CA VAL A 33 17.87 7.07 -0.08
C VAL A 33 18.24 5.82 -0.90
N GLU A 34 18.81 4.83 -0.25
CA GLU A 34 19.16 3.59 -0.95
C GLU A 34 17.94 2.75 -1.33
N ILE A 35 16.92 2.78 -0.49
CA ILE A 35 15.68 2.08 -0.81
C ILE A 35 15.01 2.72 -2.03
N HIS A 36 14.94 4.05 -2.01
CA HIS A 36 14.42 4.81 -3.15
C HIS A 36 15.22 4.52 -4.41
N ARG A 37 16.56 4.45 -4.32
CA ARG A 37 17.36 4.15 -5.49
C ARG A 37 17.00 2.80 -6.06
N ALA A 38 16.81 1.82 -5.18
CA ALA A 38 16.46 0.49 -5.65
C ALA A 38 15.09 0.47 -6.36
N ILE A 39 14.13 1.19 -5.80
CA ILE A 39 12.80 1.34 -6.45
C ILE A 39 12.92 1.98 -7.86
N VAL A 40 13.72 3.03 -7.98
CA VAL A 40 13.92 3.66 -9.28
C VAL A 40 14.64 2.74 -10.25
N GLU A 41 15.70 2.07 -9.79
CA GLU A 41 16.50 1.26 -10.70
C GLU A 41 15.81 -0.04 -11.07
N ASP A 42 15.26 -0.68 -10.05
CA ASP A 42 14.77 -2.06 -10.17
C ASP A 42 13.25 -2.17 -10.22
N GLY A 43 12.54 -1.17 -9.73
CA GLY A 43 11.08 -1.22 -9.73
C GLY A 43 10.49 -1.92 -8.53
N VAL A 44 11.35 -2.43 -7.65
CA VAL A 44 10.92 -3.27 -6.55
C VAL A 44 12.06 -3.31 -5.52
N ALA A 45 11.71 -3.34 -4.23
CA ALA A 45 12.66 -3.44 -3.11
C ALA A 45 11.93 -4.14 -1.97
N ILE A 46 12.69 -4.84 -1.12
CA ILE A 46 12.12 -5.57 0.00
C ILE A 46 12.65 -4.97 1.30
N ILE A 47 11.76 -4.73 2.25
CA ILE A 47 12.17 -4.35 3.61
C ILE A 47 11.80 -5.49 4.54
N GLU A 48 12.80 -6.15 5.11
CA GLU A 48 12.52 -7.23 6.07
C GLU A 48 12.16 -6.58 7.41
N GLY A 49 11.16 -7.12 8.10
CA GLY A 49 10.73 -6.56 9.37
C GLY A 49 10.19 -5.13 9.29
N PHE A 50 9.55 -4.80 8.17
CA PHE A 50 8.87 -3.52 7.99
C PHE A 50 7.82 -3.33 9.08
N LEU A 51 7.05 -4.39 9.37
CA LEU A 51 6.17 -4.41 10.55
C LEU A 51 6.71 -5.37 11.59
N THR A 52 6.38 -5.12 12.86
CA THR A 52 6.77 -6.03 13.93
C THR A 52 5.78 -7.18 14.00
N PRO A 53 6.19 -8.31 14.58
CA PRO A 53 5.25 -9.44 14.72
C PRO A 53 4.00 -9.05 15.51
N GLU A 54 4.14 -8.17 16.50
CA GLU A 54 2.96 -7.69 17.24
CA GLU A 54 2.95 -7.75 17.23
C GLU A 54 2.01 -6.91 16.37
N GLN A 55 2.55 -6.08 15.47
CA GLN A 55 1.70 -5.34 14.53
C GLN A 55 0.98 -6.32 13.61
N VAL A 56 1.73 -7.31 13.10
CA VAL A 56 1.14 -8.34 12.23
C VAL A 56 -0.01 -9.04 12.96
N GLN A 57 0.21 -9.36 14.24
CA GLN A 57 -0.82 -10.03 15.05
C GLN A 57 -2.11 -9.19 15.15
N LYS A 58 -1.97 -7.90 15.43
CA LYS A 58 -3.11 -6.97 15.58
C LYS A 58 -3.90 -6.88 14.27
N LEU A 59 -3.16 -6.74 13.17
CA LEU A 59 -3.78 -6.57 11.87
C LEU A 59 -4.55 -7.84 11.48
N ASN A 60 -3.96 -8.99 11.76
CA ASN A 60 -4.65 -10.22 11.44
C ASN A 60 -5.93 -10.34 12.26
N LYS A 61 -5.89 -9.94 13.52
CA LYS A 61 -7.09 -10.04 14.36
C LYS A 61 -8.16 -9.05 13.87
N ASP A 62 -7.73 -7.88 13.42
CA ASP A 62 -8.69 -6.90 12.90
C ASP A 62 -9.45 -7.41 11.67
N VAL A 63 -8.77 -8.16 10.80
CA VAL A 63 -9.41 -8.58 9.54
C VAL A 63 -10.02 -9.98 9.58
N ASP A 64 -9.83 -10.72 10.67
CA ASP A 64 -10.36 -12.09 10.72
C ASP A 64 -11.85 -12.15 10.42
N ALA A 65 -12.64 -11.32 11.10
CA ALA A 65 -14.09 -11.42 10.93
C ALA A 65 -14.57 -10.92 9.55
N PRO A 66 -14.08 -9.76 9.09
CA PRO A 66 -14.48 -9.30 7.74
C PRO A 66 -14.06 -10.27 6.64
N LEU A 67 -12.87 -10.84 6.74
CA LEU A 67 -12.46 -11.84 5.74
C LEU A 67 -13.33 -13.08 5.77
N LYS A 68 -13.68 -13.54 6.97
CA LYS A 68 -14.56 -14.69 7.06
C LYS A 68 -15.91 -14.37 6.43
N ALA A 69 -16.41 -13.17 6.67
CA ALA A 69 -17.68 -12.73 6.10
C ALA A 69 -17.65 -12.59 4.58
N ASP A 70 -16.55 -12.04 4.04
CA ASP A 70 -16.42 -11.92 2.59
C ASP A 70 -16.38 -13.31 1.97
N ARG A 71 -15.68 -14.22 2.63
CA ARG A 71 -15.46 -15.55 2.08
C ARG A 71 -16.76 -16.32 2.10
N GLU A 72 -17.57 -16.10 3.14
CA GLU A 72 -18.84 -16.81 3.32
C GLU A 72 -19.92 -16.40 2.32
N GLN A 73 -19.66 -15.38 1.51
CA GLN A 73 -20.55 -15.04 0.41
C GLN A 73 -20.35 -16.03 -0.73
N PHE A 86 -19.51 -1.77 -13.31
CA PHE A 86 -18.99 -2.91 -12.55
C PHE A 86 -18.24 -2.47 -11.29
N TRP A 87 -18.35 -3.28 -10.25
CA TRP A 87 -17.62 -3.03 -9.03
C TRP A 87 -16.54 -4.09 -8.91
N LEU A 88 -15.37 -3.69 -8.46
CA LEU A 88 -14.26 -4.62 -8.35
C LEU A 88 -14.57 -5.74 -7.35
N ALA A 89 -15.51 -5.51 -6.44
CA ALA A 89 -15.95 -6.54 -5.49
C ALA A 89 -16.43 -7.77 -6.23
N ASP A 90 -16.97 -7.56 -7.42
CA ASP A 90 -17.54 -8.66 -8.19
C ASP A 90 -16.53 -9.40 -9.08
N PHE A 91 -15.26 -9.03 -8.98
CA PHE A 91 -14.22 -9.58 -9.84
C PHE A 91 -13.10 -10.25 -9.05
N ILE A 92 -13.39 -10.58 -7.79
CA ILE A 92 -12.40 -11.23 -6.93
C ILE A 92 -12.27 -12.70 -7.36
N PRO A 93 -11.03 -13.15 -7.61
CA PRO A 93 -10.79 -14.52 -8.11
C PRO A 93 -11.25 -15.63 -7.16
N ASP A 94 -11.50 -16.82 -7.67
CA ASP A 94 -11.92 -17.95 -6.84
C ASP A 94 -10.93 -18.14 -5.68
N HIS A 95 -11.47 -18.43 -4.51
CA HIS A 95 -10.70 -18.71 -3.28
C HIS A 95 -10.02 -17.53 -2.64
N VAL A 96 -10.20 -16.32 -3.19
CA VAL A 96 -9.61 -15.12 -2.62
C VAL A 96 -10.71 -14.36 -1.89
N ALA A 97 -10.37 -13.84 -0.71
CA ALA A 97 -11.26 -12.93 0.02
C ALA A 97 -10.52 -11.63 0.18
N ARG A 98 -11.25 -10.52 0.20
CA ARG A 98 -10.60 -9.24 0.33
C ARG A 98 -11.40 -8.35 1.26
N VAL A 99 -10.70 -7.50 2.00
CA VAL A 99 -11.39 -6.47 2.76
C VAL A 99 -10.65 -5.16 2.58
N HIS A 100 -11.41 -4.13 2.26
CA HIS A 100 -10.83 -2.80 2.01
C HIS A 100 -11.16 -1.82 3.12
N ASN A 101 -10.72 -0.57 2.97
CA ASN A 101 -11.09 0.49 3.93
C ASN A 101 -10.65 0.16 5.35
N LEU A 102 -9.41 -0.26 5.48
CA LEU A 102 -8.91 -0.69 6.80
C LEU A 102 -8.92 0.48 7.80
N VAL A 103 -8.78 1.74 7.36
CA VAL A 103 -8.82 2.87 8.32
CA VAL A 103 -8.78 2.82 8.37
C VAL A 103 -10.10 2.88 9.14
N ASP A 104 -11.21 2.41 8.52
CA ASP A 104 -12.50 2.46 9.14
C ASP A 104 -12.58 1.66 10.42
N PHE A 105 -11.79 0.60 10.50
CA PHE A 105 -11.99 -0.40 11.58
C PHE A 105 -10.71 -0.97 12.19
N SER A 106 -9.54 -0.57 11.72
CA SER A 106 -8.30 -1.07 12.31
C SER A 106 -7.54 0.06 13.01
N HIS A 107 -7.49 -0.02 14.35
CA HIS A 107 -6.75 0.96 15.14
C HIS A 107 -5.28 0.90 14.75
N CYS A 108 -4.71 -0.30 14.60
CA CYS A 108 -3.31 -0.41 14.22
C CYS A 108 -3.05 0.27 12.87
N PHE A 109 -3.91 0.03 11.90
CA PHE A 109 -3.71 0.66 10.61
C PHE A 109 -3.76 2.19 10.71
N ARG A 110 -4.79 2.72 11.35
CA ARG A 110 -4.94 4.18 11.31
C ARG A 110 -3.93 4.94 12.16
N HIS A 111 -3.39 4.29 13.20
CA HIS A 111 -2.40 4.95 14.09
C HIS A 111 -0.96 4.51 13.90
N GLU A 112 -0.75 3.22 13.62
CA GLU A 112 0.65 2.79 13.46
C GLU A 112 1.10 2.77 12.01
N ILE A 113 0.33 2.17 11.12
CA ILE A 113 0.74 2.03 9.74
C ILE A 113 0.78 3.41 9.07
N LEU A 114 -0.24 4.23 9.30
CA LEU A 114 -0.27 5.51 8.60
C LEU A 114 0.74 6.50 9.12
N ASN A 115 1.43 6.18 10.21
CA ASN A 115 2.52 7.01 10.72
C ASN A 115 3.87 6.37 10.60
N HIS A 116 3.96 5.30 9.79
CA HIS A 116 5.19 4.51 9.69
C HIS A 116 6.31 5.40 9.16
N GLU A 117 7.37 5.59 9.96
CA GLU A 117 8.35 6.64 9.65
C GLU A 117 9.14 6.32 8.37
N LEU A 118 9.53 5.07 8.21
CA LEU A 118 10.28 4.69 7.00
C LEU A 118 9.40 4.75 5.75
N LEU A 119 8.15 4.29 5.86
CA LEU A 119 7.21 4.46 4.74
C LEU A 119 7.21 5.91 4.28
N HIS A 120 7.05 6.82 5.24
CA HIS A 120 6.99 8.24 4.84
C HIS A 120 8.29 8.77 4.23
N LYS A 121 9.45 8.37 4.77
CA LYS A 121 10.72 8.84 4.20
C LYS A 121 10.85 8.38 2.75
N ILE A 122 10.45 7.13 2.49
CA ILE A 122 10.52 6.57 1.14
C ILE A 122 9.53 7.27 0.21
N CYS A 123 8.30 7.46 0.67
CA CYS A 123 7.28 8.09 -0.19
C CYS A 123 7.64 9.55 -0.49
N ARG A 124 8.22 10.28 0.47
CA ARG A 124 8.55 11.66 0.19
CA ARG A 124 8.61 11.67 0.23
C ARG A 124 9.57 11.72 -0.96
N LEU A 125 10.56 10.84 -0.94
CA LEU A 125 11.56 10.80 -2.01
C LEU A 125 10.95 10.32 -3.32
N THR A 126 10.12 9.27 -3.26
CA THR A 126 9.55 8.69 -4.47
C THR A 126 8.67 9.66 -5.23
N PHE A 127 7.87 10.42 -4.49
CA PHE A 127 6.89 11.26 -5.14
C PHE A 127 7.29 12.73 -5.23
N GLU A 128 8.58 13.03 -4.97
CA GLU A 128 9.06 14.41 -4.94
CA GLU A 128 9.08 14.41 -4.96
C GLU A 128 8.67 15.22 -6.21
N GLU A 129 8.71 14.58 -7.38
CA GLU A 129 8.38 15.32 -8.62
C GLU A 129 6.93 15.76 -8.65
N SER A 130 6.04 15.00 -8.00
CA SER A 130 4.60 15.28 -8.06
C SER A 130 4.08 16.01 -6.84
N GLY A 131 4.84 16.00 -5.75
CA GLY A 131 4.42 16.71 -4.55
C GLY A 131 4.04 15.73 -3.47
N ASP A 132 2.94 16.02 -2.77
CA ASP A 132 2.53 15.13 -1.68
C ASP A 132 1.87 13.85 -2.17
N TYR A 133 1.67 12.95 -1.21
CA TYR A 133 1.16 11.61 -1.51
C TYR A 133 0.14 11.30 -0.41
N TRP A 134 -0.73 10.32 -0.68
CA TRP A 134 -1.70 9.89 0.31
C TRP A 134 -2.15 8.46 0.02
N LEU A 135 -3.08 7.95 0.83
CA LEU A 135 -3.45 6.53 0.73
C LEU A 135 -4.40 6.25 -0.42
N GLY A 136 -3.94 5.46 -1.40
CA GLY A 136 -4.81 5.03 -2.48
C GLY A 136 -5.76 3.96 -1.96
N TYR A 137 -5.24 3.01 -1.20
CA TYR A 137 -6.11 2.12 -0.39
C TYR A 137 -5.24 1.34 0.57
N GLY A 138 -5.90 0.87 1.64
CA GLY A 138 -5.28 -0.12 2.52
C GLY A 138 -6.26 -1.27 2.56
N ALA A 139 -5.78 -2.49 2.27
CA ALA A 139 -6.66 -3.64 2.21
C ALA A 139 -5.91 -4.84 2.69
N VAL A 140 -6.65 -5.92 2.95
CA VAL A 140 -6.01 -7.26 3.13
C VAL A 140 -6.60 -8.19 2.10
N ILE A 141 -5.73 -8.93 1.42
CA ILE A 141 -6.12 -9.91 0.40
C ILE A 141 -5.75 -11.26 0.96
N GLU A 142 -6.70 -12.18 1.02
CA GLU A 142 -6.41 -13.50 1.61
C GLU A 142 -6.58 -14.52 0.52
N ASN A 143 -5.46 -15.09 0.08
CA ASN A 143 -5.50 -16.17 -0.90
C ASN A 143 -5.68 -17.49 -0.17
N GLY A 144 -6.85 -18.13 -0.31
CA GLY A 144 -7.05 -19.44 0.32
C GLY A 144 -6.38 -20.52 -0.50
N PRO A 145 -6.24 -21.69 0.10
CA PRO A 145 -5.85 -22.91 -0.63
C PRO A 145 -6.69 -22.99 -1.91
N GLY A 146 -6.04 -23.26 -3.04
CA GLY A 146 -6.74 -23.36 -4.30
C GLY A 146 -6.62 -22.09 -5.13
N THR A 147 -6.17 -20.99 -4.52
CA THR A 147 -5.91 -19.76 -5.32
C THR A 147 -4.93 -20.05 -6.43
N THR A 148 -5.24 -19.60 -7.65
CA THR A 148 -4.48 -19.88 -8.86
CA THR A 148 -4.40 -19.90 -8.81
C THR A 148 -3.48 -18.75 -9.16
N GLU A 149 -2.37 -19.09 -9.83
CA GLU A 149 -1.40 -18.12 -10.30
C GLU A 149 -2.09 -17.08 -11.20
N GLN A 150 -1.71 -15.82 -11.04
CA GLN A 150 -2.35 -14.75 -11.78
C GLN A 150 -1.71 -14.53 -13.14
N LYS A 151 -2.29 -13.63 -13.92
CA LYS A 151 -1.65 -13.22 -15.16
C LYS A 151 -0.62 -12.15 -14.85
N TRP A 152 0.44 -12.06 -15.66
CA TRP A 152 1.39 -10.94 -15.51
C TRP A 152 0.63 -9.63 -15.61
N HIS A 153 0.98 -8.68 -14.75
CA HIS A 153 0.34 -7.36 -14.74
C HIS A 153 1.20 -6.34 -14.04
N ARG A 154 0.82 -5.07 -14.19
CA ARG A 154 1.36 -4.03 -13.35
C ARG A 154 0.20 -3.54 -12.50
N ASP A 155 0.50 -2.99 -11.33
CA ASP A 155 -0.54 -2.53 -10.40
C ASP A 155 -1.18 -1.23 -10.77
N GLN A 156 -0.56 -0.46 -11.67
CA GLN A 156 -1.00 0.93 -11.84
C GLN A 156 -2.15 1.01 -12.85
N PRO A 157 -3.29 1.64 -12.47
CA PRO A 157 -4.40 1.73 -13.41
C PRO A 157 -3.95 2.53 -14.61
N ARG A 158 -4.46 2.18 -15.78
CA ARG A 158 -4.17 2.95 -16.97
C ARG A 158 -5.26 4.01 -17.24
N TYR A 159 -4.85 5.26 -17.24
CA TYR A 159 -5.79 6.37 -17.48
C TYR A 159 -5.24 7.14 -18.66
N PRO A 160 -6.07 7.51 -19.65
CA PRO A 160 -5.57 8.30 -20.78
C PRO A 160 -4.83 9.59 -20.39
N LEU A 161 -5.20 10.20 -19.28
CA LEU A 161 -4.61 11.47 -18.93
C LEU A 161 -3.31 11.31 -18.18
N VAL A 162 -3.01 10.11 -17.71
CA VAL A 162 -1.82 9.94 -16.85
C VAL A 162 -0.66 9.28 -17.57
N LYS A 163 0.51 9.93 -17.52
CA LYS A 163 1.71 9.35 -18.13
C LYS A 163 2.10 8.05 -17.45
N GLU A 164 2.46 7.06 -18.26
CA GLU A 164 2.92 5.78 -17.74
C GLU A 164 4.12 5.33 -18.57
N GLY A 165 4.89 4.39 -18.05
CA GLY A 165 6.03 3.94 -18.83
C GLY A 165 7.32 4.12 -18.07
N PRO A 166 8.42 3.58 -18.61
CA PRO A 166 9.72 3.55 -17.92
C PRO A 166 10.19 4.94 -17.52
N ASP A 167 9.85 5.93 -18.34
CA ASP A 167 10.35 7.30 -18.15
C ASP A 167 9.34 8.21 -17.47
N ALA A 168 8.15 7.72 -17.16
CA ALA A 168 7.14 8.59 -16.55
C ALA A 168 7.43 8.75 -15.06
N PRO A 169 6.91 9.83 -14.45
CA PRO A 169 7.05 9.90 -12.97
C PRO A 169 6.34 8.77 -12.29
N GLU A 170 6.78 8.44 -11.06
CA GLU A 170 6.14 7.33 -10.35
C GLU A 170 4.69 7.63 -10.01
N GLY A 171 3.79 6.72 -10.39
CA GLY A 171 2.36 6.94 -10.20
C GLY A 171 1.77 6.24 -8.99
N MET A 172 2.52 5.31 -8.38
CA MET A 172 2.02 4.58 -7.20
C MET A 172 3.17 3.83 -6.57
N LEU A 173 3.06 3.55 -5.28
CA LEU A 173 3.97 2.59 -4.64
C LEU A 173 3.10 1.70 -3.78
N ASN A 174 3.20 0.37 -3.94
CA ASN A 174 2.39 -0.51 -3.12
C ASN A 174 3.32 -1.18 -2.10
N PHE A 175 3.19 -0.84 -0.81
CA PHE A 175 3.98 -1.54 0.21
C PHE A 175 3.24 -2.82 0.49
N PHE A 176 3.57 -3.87 -0.27
CA PHE A 176 2.83 -5.12 -0.24
C PHE A 176 3.36 -5.93 0.92
N THR A 177 2.60 -5.95 2.01
CA THR A 177 3.14 -6.41 3.30
C THR A 177 2.61 -7.80 3.65
N ALA A 178 3.51 -8.76 3.90
CA ALA A 178 3.04 -10.08 4.26
C ALA A 178 2.45 -10.10 5.68
N LEU A 179 1.27 -10.72 5.85
CA LEU A 179 0.72 -10.93 7.20
C LEU A 179 0.82 -12.40 7.58
N THR A 180 1.20 -13.26 6.62
CA THR A 180 1.48 -14.66 6.88
C THR A 180 2.73 -15.01 6.07
N ASP A 181 3.23 -16.25 6.15
CA ASP A 181 4.41 -16.55 5.37
C ASP A 181 4.09 -16.65 3.87
N PHE A 182 4.98 -16.11 3.05
CA PHE A 182 4.90 -16.30 1.59
C PHE A 182 6.06 -17.22 1.24
N ASP A 183 5.76 -18.48 0.99
CA ASP A 183 6.80 -19.45 0.69
C ASP A 183 6.43 -20.28 -0.52
N ALA A 184 7.20 -21.32 -0.81
CA ALA A 184 6.97 -22.14 -2.00
C ALA A 184 5.56 -22.72 -2.04
N GLU A 185 5.06 -23.16 -0.89
CA GLU A 185 3.71 -23.70 -0.79
C GLU A 185 2.59 -22.66 -0.86
N THR A 186 2.68 -21.63 -0.02
CA THR A 186 1.58 -20.69 0.06
C THR A 186 1.57 -19.74 -1.12
N GLY A 187 2.73 -19.59 -1.75
CA GLY A 187 2.87 -18.79 -2.95
C GLY A 187 3.76 -17.56 -2.81
N LYS A 188 4.85 -17.54 -3.56
CA LYS A 188 5.71 -16.34 -3.62
C LYS A 188 5.32 -15.53 -4.83
N THR A 189 5.26 -14.20 -4.69
CA THR A 189 4.91 -13.35 -5.84
C THR A 189 6.14 -13.34 -6.76
N GLN A 190 5.88 -13.36 -8.07
CA GLN A 190 6.91 -13.47 -9.09
C GLN A 190 7.04 -12.09 -9.69
N TYR A 191 8.28 -11.61 -9.81
CA TYR A 191 8.52 -10.29 -10.40
C TYR A 191 9.46 -10.48 -11.55
N ILE A 192 9.20 -9.79 -12.67
CA ILE A 192 10.11 -9.94 -13.79
C ILE A 192 11.14 -8.84 -13.61
N LEU A 193 12.34 -9.26 -13.26
CA LEU A 193 13.39 -8.32 -12.96
C LEU A 193 13.71 -7.61 -14.26
N GLY A 194 13.84 -6.31 -14.21
CA GLY A 194 14.13 -5.54 -15.41
C GLY A 194 12.88 -4.95 -16.08
N SER A 195 11.70 -5.41 -15.70
CA SER A 195 10.50 -5.03 -16.46
C SER A 195 10.07 -3.58 -16.26
N ASN A 196 10.56 -2.96 -15.19
CA ASN A 196 10.29 -1.57 -14.98
C ASN A 196 10.93 -0.69 -16.05
N LYS A 197 11.83 -1.27 -16.85
CA LYS A 197 12.51 -0.50 -17.91
C LYS A 197 11.83 -0.68 -19.26
N ARG A 198 10.79 -1.52 -19.30
CA ARG A 198 10.14 -1.93 -20.55
C ARG A 198 8.80 -1.21 -20.72
N VAL A 199 8.44 -0.96 -21.98
CA VAL A 199 7.08 -0.48 -22.23
C VAL A 199 6.03 -1.60 -22.07
N GLU A 200 6.23 -2.73 -22.76
CA GLU A 200 5.31 -3.86 -22.68
C GLU A 200 5.51 -4.58 -21.34
N LEU A 201 4.54 -5.39 -20.91
CA LEU A 201 4.72 -6.19 -19.69
C LEU A 201 5.97 -7.04 -19.78
N GLY A 202 6.13 -7.70 -20.92
CA GLY A 202 7.29 -8.50 -21.19
C GLY A 202 7.15 -9.90 -20.64
N GLU A 203 8.05 -10.75 -21.10
CA GLU A 203 8.12 -12.13 -20.66
C GLU A 203 9.50 -12.27 -20.02
N PRO A 204 9.63 -13.20 -19.08
CA PRO A 204 10.98 -13.48 -18.59
C PRO A 204 11.86 -13.96 -19.74
N ASP A 205 13.09 -13.49 -19.80
CA ASP A 205 14.09 -14.10 -20.66
C ASP A 205 15.34 -14.32 -19.82
N ALA A 206 16.43 -14.69 -20.46
CA ALA A 206 17.70 -14.86 -19.74
C ALA A 206 18.09 -13.61 -18.94
N ASP A 207 17.80 -12.44 -19.49
CA ASP A 207 18.22 -11.15 -18.91
C ASP A 207 17.10 -10.47 -18.13
N HIS A 208 15.98 -11.15 -18.02
CA HIS A 208 14.86 -10.66 -17.22
C HIS A 208 14.25 -11.89 -16.61
N PRO A 209 14.95 -12.52 -15.66
CA PRO A 209 14.45 -13.77 -15.11
C PRO A 209 13.38 -13.47 -14.06
N ILE A 210 12.58 -14.48 -13.73
CA ILE A 210 11.59 -14.29 -12.69
C ILE A 210 12.32 -14.37 -11.36
N GLU A 211 12.04 -13.41 -10.46
CA GLU A 211 12.39 -13.64 -9.06
C GLU A 211 11.13 -13.99 -8.28
N TYR A 212 11.19 -15.10 -7.53
CA TYR A 212 10.11 -15.46 -6.64
C TYR A 212 10.50 -14.94 -5.27
N VAL A 213 9.72 -14.02 -4.76
CA VAL A 213 10.06 -13.37 -3.50
C VAL A 213 9.41 -14.06 -2.31
N GLY A 214 10.25 -14.65 -1.46
CA GLY A 214 9.78 -15.19 -0.19
C GLY A 214 9.70 -14.10 0.87
N LEU A 215 8.64 -14.14 1.68
CA LEU A 215 8.46 -13.13 2.76
C LEU A 215 8.07 -13.81 4.07
N LYS A 216 8.63 -13.33 5.18
CA LYS A 216 8.13 -13.70 6.50
CA LYS A 216 8.11 -13.73 6.48
C LYS A 216 7.06 -12.69 6.88
N PRO A 217 6.16 -13.04 7.81
CA PRO A 217 5.13 -12.06 8.14
C PRO A 217 5.78 -10.78 8.67
N GLY A 218 5.31 -9.64 8.16
CA GLY A 218 5.88 -8.35 8.53
C GLY A 218 6.94 -7.85 7.57
N ASP A 219 7.43 -8.72 6.68
CA ASP A 219 8.30 -8.23 5.59
C ASP A 219 7.41 -7.62 4.51
N THR A 220 7.94 -6.61 3.83
CA THR A 220 7.18 -5.93 2.75
CA THR A 220 7.19 -6.03 2.70
C THR A 220 7.98 -5.94 1.44
N THR A 221 7.26 -6.09 0.33
CA THR A 221 7.86 -5.86 -0.96
C THR A 221 7.28 -4.52 -1.43
N ILE A 222 8.13 -3.52 -1.71
CA ILE A 222 7.66 -2.22 -2.20
C ILE A 222 7.61 -2.36 -3.72
N VAL A 223 6.41 -2.27 -4.26
CA VAL A 223 6.14 -2.56 -5.66
C VAL A 223 5.81 -1.24 -6.38
N SER A 224 6.64 -0.89 -7.34
CA SER A 224 6.34 0.30 -8.12
CA SER A 224 6.40 0.27 -8.21
C SER A 224 5.23 -0.01 -9.13
N GLY A 225 4.61 1.05 -9.65
CA GLY A 225 3.62 0.85 -10.69
C GLY A 225 4.19 0.33 -12.00
N LYS A 226 5.52 0.23 -12.12
CA LYS A 226 6.18 -0.14 -13.37
C LYS A 226 6.62 -1.59 -13.48
N ILE A 227 6.62 -2.32 -12.36
CA ILE A 227 7.22 -3.66 -12.35
C ILE A 227 6.15 -4.71 -12.70
N THR A 228 6.45 -5.56 -13.66
CA THR A 228 5.56 -6.67 -14.09
C THR A 228 5.64 -7.79 -13.09
N HIS A 229 4.49 -8.28 -12.63
CA HIS A 229 4.51 -9.37 -11.65
C HIS A 229 3.24 -10.20 -11.68
N ARG A 230 3.24 -11.32 -10.97
CA ARG A 230 2.02 -12.11 -10.83
C ARG A 230 2.13 -12.89 -9.53
N GLY A 231 1.04 -12.98 -8.77
CA GLY A 231 0.98 -13.95 -7.68
C GLY A 231 1.03 -15.40 -8.14
N SER A 232 1.41 -16.28 -7.22
CA SER A 232 1.56 -17.72 -7.50
C SER A 232 0.35 -18.48 -6.97
N ASP A 233 0.26 -19.75 -7.34
CA ASP A 233 -0.73 -20.68 -6.79
C ASP A 233 -0.60 -20.71 -5.27
N ASN A 234 -1.71 -20.86 -4.55
CA ASN A 234 -1.61 -21.27 -3.16
C ASN A 234 -1.94 -22.74 -3.15
N ARG A 235 -0.90 -23.54 -3.00
CA ARG A 235 -1.08 -25.00 -3.01
C ARG A 235 -0.65 -25.56 -1.68
N SER A 236 -1.08 -24.86 -0.64
CA SER A 236 -0.80 -25.25 0.74
C SER A 236 -2.13 -25.45 1.42
N ASP A 237 -2.07 -25.75 2.71
CA ASP A 237 -3.28 -25.85 3.53
C ASP A 237 -3.57 -24.57 4.33
N LYS A 238 -2.88 -23.48 4.01
CA LYS A 238 -2.89 -22.26 4.82
C LYS A 238 -3.48 -21.11 4.09
N MET A 239 -4.04 -20.15 4.83
CA MET A 239 -4.43 -18.88 4.27
C MET A 239 -3.19 -18.01 4.04
N ARG A 240 -3.07 -17.43 2.85
CA ARG A 240 -1.97 -16.53 2.57
CA ARG A 240 -1.95 -16.53 2.58
C ARG A 240 -2.46 -15.11 2.55
N ARG A 241 -2.08 -14.30 3.55
CA ARG A 241 -2.61 -12.92 3.64
C ARG A 241 -1.57 -11.85 3.35
N ALA A 242 -1.96 -10.88 2.55
CA ALA A 242 -1.09 -9.77 2.22
C ALA A 242 -1.88 -8.52 2.54
N MET A 243 -1.16 -7.50 2.99
CA MET A 243 -1.79 -6.17 3.17
C MET A 243 -1.12 -5.17 2.24
N PRO A 244 -1.72 -4.97 1.04
CA PRO A 244 -1.25 -3.85 0.21
C PRO A 244 -1.52 -2.50 0.89
N ILE A 245 -0.48 -1.70 1.08
CA ILE A 245 -0.63 -0.30 1.50
C ILE A 245 -0.27 0.48 0.22
N MET A 246 -1.31 0.85 -0.53
CA MET A 246 -1.14 1.50 -1.83
C MET A 246 -1.08 3.02 -1.64
N ILE A 247 0.06 3.61 -1.97
CA ILE A 247 0.27 5.07 -1.84
C ILE A 247 0.30 5.67 -3.21
N ILE A 248 -0.40 6.80 -3.40
CA ILE A 248 -0.42 7.47 -4.71
C ILE A 248 -0.19 8.96 -4.51
N PRO A 249 0.25 9.67 -5.56
CA PRO A 249 0.35 11.13 -5.47
C PRO A 249 -1.01 11.71 -5.13
N SER A 250 -1.00 12.77 -4.31
CA SER A 250 -2.29 13.23 -3.80
CA SER A 250 -2.27 13.31 -3.81
C SER A 250 -3.04 14.11 -4.82
N ILE A 251 -2.45 14.35 -6.00
CA ILE A 251 -3.23 14.90 -7.09
C ILE A 251 -4.22 13.89 -7.69
N LEU A 252 -4.12 12.62 -7.30
CA LEU A 252 -5.00 11.58 -7.83
C LEU A 252 -5.97 11.05 -6.79
N THR A 253 -7.16 10.68 -7.25
CA THR A 253 -8.21 10.15 -6.35
C THR A 253 -7.91 8.73 -5.90
N PRO A 254 -7.98 8.50 -4.58
CA PRO A 254 -7.84 7.12 -4.05
C PRO A 254 -8.90 6.16 -4.53
N PHE A 255 -8.54 4.86 -4.50
CA PHE A 255 -9.54 3.86 -4.71
C PHE A 255 -10.54 3.76 -3.56
N ASP A 256 -10.04 3.81 -2.32
CA ASP A 256 -10.91 3.70 -1.12
C ASP A 256 -11.37 5.09 -0.64
N ALA A 257 -12.68 5.31 -0.65
CA ALA A 257 -13.25 6.55 -0.10
C ALA A 257 -13.05 6.67 1.41
N THR A 258 -12.94 7.92 1.87
CA THR A 258 -12.77 8.17 3.29
C THR A 258 -13.73 9.24 3.76
N CYS A 259 -14.61 9.69 2.85
CA CYS A 259 -15.56 10.76 3.15
C CYS A 259 -16.61 10.46 4.21
N HIS A 260 -16.86 9.19 4.52
CA HIS A 260 -17.86 8.82 5.52
C HIS A 260 -17.29 8.74 6.93
N LEU A 261 -15.98 8.82 7.08
CA LEU A 261 -15.37 8.68 8.41
C LEU A 261 -15.84 9.83 9.30
N SER A 262 -16.14 9.54 10.57
CA SER A 262 -16.63 10.59 11.45
C SER A 262 -15.52 11.58 11.84
N ARG A 263 -15.90 12.82 12.13
CA ARG A 263 -14.90 13.80 12.58
C ARG A 263 -14.27 13.31 13.87
N GLU A 264 -15.07 12.70 14.74
CA GLU A 264 -14.56 12.03 15.95
C GLU A 264 -13.38 11.09 15.68
N LEU A 265 -13.56 10.14 14.77
CA LEU A 265 -12.50 9.21 14.45
C LEU A 265 -11.29 9.94 13.86
N VAL A 266 -11.58 10.88 12.95
CA VAL A 266 -10.49 11.56 12.25
C VAL A 266 -9.65 12.36 13.25
N GLU A 267 -10.30 12.94 14.26
CA GLU A 267 -9.60 13.74 15.24
C GLU A 267 -8.72 12.93 16.20
N THR A 268 -8.88 11.61 16.21
CA THR A 268 -7.97 10.77 16.99
C THR A 268 -6.62 10.57 16.27
N MET A 269 -6.55 10.97 14.99
CA MET A 269 -5.37 10.63 14.19
C MET A 269 -4.34 11.77 14.25
N THR A 270 -3.09 11.50 13.84
CA THR A 270 -2.06 12.56 13.76
C THR A 270 -2.38 13.41 12.54
N PRO A 271 -1.88 14.67 12.51
CA PRO A 271 -2.07 15.48 11.30
C PRO A 271 -1.56 14.78 10.03
N LEU A 272 -0.42 14.09 10.14
CA LEU A 272 0.09 13.33 8.98
C LEU A 272 -0.87 12.26 8.52
N ALA A 273 -1.40 11.49 9.46
CA ALA A 273 -2.30 10.40 9.07
C ALA A 273 -3.61 10.98 8.53
N GLN A 274 -4.04 12.12 9.06
CA GLN A 274 -5.24 12.80 8.53
C GLN A 274 -5.00 13.18 7.08
N LYS A 275 -3.78 13.61 6.79
CA LYS A 275 -3.44 13.99 5.43
C LYS A 275 -3.47 12.75 4.52
N MET A 276 -3.09 11.58 5.04
CA MET A 276 -3.11 10.40 4.22
CA MET A 276 -3.14 10.34 4.28
C MET A 276 -4.53 9.96 3.87
N ILE A 277 -5.54 10.42 4.63
CA ILE A 277 -6.92 10.03 4.34
C ILE A 277 -7.79 11.18 3.85
N CYS A 278 -7.16 12.17 3.22
CA CYS A 278 -7.89 13.20 2.45
C CYS A 278 -8.61 14.18 3.36
N ARG A 279 -8.08 14.42 4.56
CA ARG A 279 -8.69 15.37 5.49
CA ARG A 279 -8.71 15.38 5.47
C ARG A 279 -7.84 16.61 5.71
N ARG A 280 -6.72 16.71 4.99
CA ARG A 280 -5.89 17.93 5.08
C ARG A 280 -5.51 18.39 3.68
N SER A 281 -5.16 19.67 3.52
CA SER A 281 -4.65 20.07 2.23
C SER A 281 -3.36 19.37 1.87
N VAL A 282 -3.08 19.29 0.56
CA VAL A 282 -1.88 18.59 0.07
C VAL A 282 -1.10 19.53 -0.86
N MET A 283 0.22 19.37 -0.89
CA MET A 283 1.11 20.30 -1.58
CA MET A 283 1.05 20.33 -1.60
C MET A 283 1.42 19.82 -2.99
N ILE A 284 1.50 20.75 -3.94
CA ILE A 284 1.89 20.41 -5.32
C ILE A 284 3.04 21.37 -5.68
N PRO A 285 3.98 20.90 -6.51
CA PRO A 285 5.02 21.84 -6.98
C PRO A 285 4.41 22.86 -7.93
N ALA A 286 4.93 24.07 -7.96
CA ALA A 286 4.37 25.04 -8.89
C ALA A 286 5.41 25.68 -9.79
N LYS A 293 6.14 25.15 -3.49
CA LYS A 293 4.92 24.36 -3.43
C LYS A 293 3.67 25.18 -3.06
N THR A 294 2.50 24.78 -3.54
CA THR A 294 1.27 25.44 -3.10
C THR A 294 0.25 24.36 -2.78
N GLY A 295 -0.77 24.74 -2.03
CA GLY A 295 -1.74 23.76 -1.55
C GLY A 295 -2.96 23.61 -2.46
N ILE A 296 -3.46 22.38 -2.55
CA ILE A 296 -4.79 22.10 -3.10
C ILE A 296 -5.60 21.28 -2.09
N TRP A 297 -6.86 21.04 -2.41
CA TRP A 297 -7.79 20.38 -1.50
C TRP A 297 -7.96 21.29 -0.27
N CYS A 298 -8.56 22.45 -0.53
CA CYS A 298 -8.53 23.57 0.38
C CYS A 298 -9.91 24.04 0.85
N VAL A 299 -9.91 24.83 1.91
CA VAL A 299 -11.11 25.52 2.33
C VAL A 299 -10.74 27.00 2.40
N ASN A 300 -11.50 27.86 1.72
CA ASN A 300 -11.13 29.28 1.64
C ASN A 300 -9.72 29.48 1.08
N MET A 301 -9.34 28.57 0.17
CA MET A 301 -8.02 28.63 -0.50
C MET A 301 -6.90 28.46 0.52
N ARG A 302 -7.22 27.90 1.68
CA ARG A 302 -6.23 27.69 2.75
C ARG A 302 -6.37 26.27 3.28
N GLU A 303 -5.63 25.93 4.35
CA GLU A 303 -5.52 24.52 4.77
C GLU A 303 -6.86 24.00 5.28
N ALA A 304 -7.28 22.87 4.73
CA ALA A 304 -8.65 22.39 4.92
C ALA A 304 -8.99 22.11 6.39
N GLY A 305 -8.08 21.44 7.10
CA GLY A 305 -8.33 21.15 8.51
C GLY A 305 -8.32 22.38 9.39
N GLU A 306 -7.31 23.24 9.23
CA GLU A 306 -7.20 24.43 10.05
CA GLU A 306 -7.21 24.42 10.07
C GLU A 306 -8.42 25.32 9.89
N GLN A 307 -8.96 25.38 8.67
CA GLN A 307 -10.09 26.27 8.46
C GLN A 307 -11.38 25.81 9.15
N ILE A 308 -11.47 24.53 9.46
CA ILE A 308 -12.66 24.05 10.17
C ILE A 308 -12.37 23.74 11.63
N GLY A 309 -11.16 24.03 12.08
CA GLY A 309 -10.77 23.78 13.46
C GLY A 309 -10.58 22.31 13.77
N LEU A 310 -10.11 21.54 12.79
CA LEU A 310 -9.95 20.10 12.95
C LEU A 310 -8.92 19.80 14.04
N LYS A 311 -9.31 19.02 15.06
CA LYS A 311 -8.36 18.61 16.09
C LYS A 311 -7.56 17.37 15.62
N SER A 312 -6.54 17.00 16.39
CA SER A 312 -5.73 15.83 16.07
C SER A 312 -5.20 15.20 17.34
N ASN A 313 -4.82 13.93 17.28
CA ASN A 313 -4.24 13.25 18.44
C ASN A 313 -5.15 13.14 19.65
N GLN A 314 -6.46 13.19 19.42
CA GLN A 314 -7.41 13.03 20.51
C GLN A 314 -7.51 11.58 20.93
N ARG A 315 -7.80 11.34 22.20
CA ARG A 315 -7.85 9.96 22.70
CA ARG A 315 -7.86 9.98 22.72
C ARG A 315 -9.00 9.20 22.06
N ALA A 316 -8.71 7.96 21.64
CA ALA A 316 -9.68 7.09 20.97
C ALA A 316 -10.50 6.26 21.94
N LYS A 317 -11.79 6.13 21.64
CA LYS A 317 -12.69 5.34 22.48
C LYS A 317 -12.18 3.92 22.69
N GLU A 318 -11.57 3.35 21.64
CA GLU A 318 -11.12 1.95 21.71
C GLU A 318 -9.84 1.77 22.52
N ASP A 319 -9.17 2.88 22.85
CA ASP A 319 -8.03 2.82 23.77
C ASP A 319 -8.46 3.02 25.22
N ALA A 320 -9.70 3.46 25.39
CA ALA A 320 -10.22 3.82 26.71
C ALA A 320 -11.07 2.71 27.29
N GLU A 321 -11.23 2.74 28.61
CA GLU A 321 -12.25 1.96 29.28
C GLU A 321 -13.50 2.84 29.37
O1 P6G B . -2.02 20.88 12.38
C2 P6G B . -1.89 21.22 11.04
C3 P6G B . -1.64 19.98 10.26
O4 P6G B . -1.52 20.19 8.89
C5 P6G B . -1.12 19.15 8.05
C6 P6G B . 0.01 18.41 8.69
O7 P6G B . 0.62 17.54 7.82
C8 P6G B . 1.58 16.69 8.34
C9 P6G B . 2.66 17.49 8.98
O10 P6G B . 3.21 16.77 10.03
C1 AKG C . -2.50 -8.21 -7.15
O1 AKG C . -2.53 -7.20 -7.90
O2 AKG C . -3.56 -8.76 -6.75
C2 AKG C . -1.22 -8.80 -6.66
O5 AKG C . -0.25 -9.03 -7.37
C3 AKG C . -1.20 -9.14 -5.24
C4 AKG C . -1.34 -10.61 -5.30
C5 AKG C . 0.02 -11.15 -5.12
O3 AKG C . 1.02 -10.48 -5.53
O4 AKG C . 0.14 -12.27 -4.55
NA NA D . 12.70 3.66 -12.88
FE FE2 E . -0.13 -6.95 -8.19
#